data_6YNM
#
_entry.id   6YNM
#
_cell.length_a   39.400
_cell.length_b   102.910
_cell.length_c   42.110
_cell.angle_alpha   90.000
_cell.angle_beta   105.784
_cell.angle_gamma   90.000
#
_symmetry.space_group_name_H-M   'P 1 21 1'
#
loop_
_entity.id
_entity.type
_entity.pdbx_description
1 polymer YTHDC1
2 non-polymer 'SULFATE ION'
3 non-polymer 1-[(2~{R},5~{S})-2-(3-chlorophenyl)-5-methyl-morpholin-4-yl]-3-methoxy-propan-2-ol
4 water water
#
_entity_poly.entity_id   1
_entity_poly.type   'polypeptide(L)'
_entity_poly.pdbx_seq_one_letter_code
;MHHHHHHSSGRENLYFQGTSKLKYVLQDARFFLIKSNNHENVSLAKAKGVWSTLPVNEKKLNLAFRSARSVILIFSVRES
GKFQGFARLSSESHHGGSPIHWVLPAGMSAKMLGGVFKIDWICRRELPFTKSAHLTNPWNEHKPVKIGRDGQEIELECGT
QLCLLFPPDESIDLYQVIHKMRH
;
_entity_poly.pdbx_strand_id   A,B
#
loop_
_chem_comp.id
_chem_comp.type
_chem_comp.name
_chem_comp.formula
P1Q non-polymer 1-[(2~{R},5~{S})-2-(3-chlorophenyl)-5-methyl-morpholin-4-yl]-3-methoxy-propan-2-ol 'C15 H22 Cl N O3'
SO4 non-polymer 'SULFATE ION' 'O4 S -2'
#
# COMPACT_ATOMS: atom_id res chain seq x y z
N GLY A 18 9.65 -8.58 -23.08
CA GLY A 18 10.45 -7.68 -22.26
C GLY A 18 9.64 -6.53 -21.66
N THR A 19 10.22 -5.83 -20.70
CA THR A 19 9.55 -4.74 -20.01
C THR A 19 10.08 -3.36 -20.38
N SER A 20 11.01 -3.27 -21.33
CA SER A 20 11.69 -2.00 -21.55
C SER A 20 10.79 -0.99 -22.24
N LYS A 21 10.10 -1.40 -23.31
CA LYS A 21 9.19 -0.48 -23.98
C LYS A 21 8.03 -0.10 -23.05
N LEU A 22 7.60 -1.03 -22.21
CA LEU A 22 6.55 -0.72 -21.23
C LEU A 22 7.01 0.39 -20.31
N LYS A 23 8.22 0.25 -19.73
CA LYS A 23 8.75 1.29 -18.85
C LYS A 23 8.87 2.62 -19.57
N TYR A 24 9.25 2.61 -20.87
CA TYR A 24 9.32 3.84 -21.63
C TYR A 24 7.95 4.49 -21.74
N VAL A 25 6.91 3.68 -21.98
CA VAL A 25 5.56 4.22 -22.11
C VAL A 25 5.11 4.84 -20.78
N LEU A 26 5.52 4.24 -19.66
CA LEU A 26 5.10 4.64 -18.32
C LEU A 26 5.93 5.78 -17.75
N GLN A 27 7.03 6.14 -18.40
CA GLN A 27 7.87 7.21 -17.91
C GLN A 27 7.06 8.50 -17.79
N ASP A 28 6.96 9.02 -16.56
CA ASP A 28 6.32 10.31 -16.33
C ASP A 28 4.85 10.31 -16.75
N ALA A 29 4.23 9.15 -16.73
CA ALA A 29 2.81 9.05 -17.03
C ALA A 29 1.99 9.47 -15.81
N ARG A 30 0.72 9.71 -16.05
CA ARG A 30 -0.28 9.80 -14.99
C ARG A 30 -1.17 8.56 -15.04
N PHE A 31 -1.67 8.16 -13.88
CA PHE A 31 -2.42 6.93 -13.70
C PHE A 31 -3.74 7.21 -13.03
N PHE A 32 -4.81 6.59 -13.53
CA PHE A 32 -6.14 6.72 -12.93
C PHE A 32 -6.78 5.35 -12.76
N LEU A 33 -7.35 5.13 -11.57
CA LEU A 33 -8.10 3.93 -11.27
C LEU A 33 -9.48 4.03 -11.89
N ILE A 34 -9.87 3.02 -12.66
CA ILE A 34 -11.20 2.95 -13.25
C ILE A 34 -11.94 1.80 -12.61
N LYS A 35 -13.08 2.09 -11.98
CA LYS A 35 -13.91 1.09 -11.34
C LYS A 35 -15.19 0.94 -12.15
N SER A 36 -15.40 -0.26 -12.70
CA SER A 36 -16.57 -0.58 -13.49
C SER A 36 -17.47 -1.52 -12.70
N ASN A 37 -18.77 -1.33 -12.84
CA ASN A 37 -19.69 -2.21 -12.11
C ASN A 37 -19.95 -3.51 -12.83
N ASN A 38 -19.49 -3.68 -14.06
CA ASN A 38 -19.77 -4.94 -14.75
C ASN A 38 -18.70 -5.26 -15.77
N HIS A 39 -18.41 -6.56 -15.90
CA HIS A 39 -17.42 -7.03 -16.86
C HIS A 39 -17.78 -6.67 -18.29
N GLU A 40 -19.08 -6.56 -18.60
CA GLU A 40 -19.48 -6.32 -19.98
C GLU A 40 -18.93 -4.98 -20.50
N ASN A 41 -18.87 -3.97 -19.65
CA ASN A 41 -18.32 -2.70 -20.12
C ASN A 41 -16.82 -2.78 -20.35
N VAL A 42 -16.12 -3.52 -19.49
CA VAL A 42 -14.69 -3.66 -19.68
C VAL A 42 -14.40 -4.50 -20.92
N SER A 43 -15.24 -5.50 -21.18
CA SER A 43 -15.09 -6.29 -22.39
C SER A 43 -15.31 -5.44 -23.63
N LEU A 44 -16.34 -4.60 -23.62
CA LEU A 44 -16.59 -3.69 -24.74
C LEU A 44 -15.41 -2.76 -24.96
N ALA A 45 -14.82 -2.25 -23.87
CA ALA A 45 -13.70 -1.33 -23.97
C ALA A 45 -12.48 -2.01 -24.56
N LYS A 46 -12.24 -3.27 -24.18
CA LYS A 46 -11.13 -4.04 -24.75
C LYS A 46 -11.38 -4.31 -26.23
N ALA A 47 -12.63 -4.56 -26.63
CA ALA A 47 -12.92 -4.87 -28.03
C ALA A 47 -12.87 -3.63 -28.92
N LYS A 48 -13.36 -2.50 -28.43
CA LYS A 48 -13.57 -1.31 -29.25
C LYS A 48 -12.57 -0.20 -29.00
N GLY A 49 -11.73 -0.32 -27.97
CA GLY A 49 -10.72 0.68 -27.72
C GLY A 49 -11.28 2.02 -27.29
N VAL A 50 -12.31 2.00 -26.45
CA VAL A 50 -13.01 3.22 -26.03
C VAL A 50 -13.32 3.12 -24.54
N TRP A 51 -13.53 4.28 -23.93
CA TRP A 51 -14.05 4.34 -22.57
C TRP A 51 -14.87 5.61 -22.44
N SER A 52 -15.84 5.58 -21.52
CA SER A 52 -16.64 6.76 -21.24
C SER A 52 -16.93 6.77 -19.74
N THR A 53 -16.92 7.96 -19.16
CA THR A 53 -17.05 8.08 -17.72
C THR A 53 -17.95 9.26 -17.42
N LEU A 54 -18.21 9.47 -16.14
CA LEU A 54 -19.07 10.57 -15.74
C LEU A 54 -18.34 11.90 -15.94
N PRO A 55 -19.08 12.99 -16.12
CA PRO A 55 -18.43 14.27 -16.45
C PRO A 55 -17.37 14.72 -15.45
N VAL A 56 -17.54 14.44 -14.16
CA VAL A 56 -16.52 14.84 -13.18
C VAL A 56 -15.19 14.15 -13.47
N ASN A 57 -15.24 12.88 -13.88
CA ASN A 57 -14.01 12.17 -14.23
C ASN A 57 -13.56 12.54 -15.64
N GLU A 58 -14.52 12.80 -16.54
CA GLU A 58 -14.18 13.22 -17.90
C GLU A 58 -13.33 14.49 -17.87
N LYS A 59 -13.72 15.47 -17.05
CA LYS A 59 -12.96 16.71 -16.99
C LYS A 59 -11.55 16.47 -16.49
N LYS A 60 -11.40 15.61 -15.46
CA LYS A 60 -10.07 15.32 -14.93
C LYS A 60 -9.19 14.62 -15.97
N LEU A 61 -9.74 13.65 -16.69
CA LEU A 61 -8.95 12.95 -17.70
C LEU A 61 -8.56 13.85 -18.86
N ASN A 62 -9.46 14.76 -19.27
CA ASN A 62 -9.11 15.69 -20.34
C ASN A 62 -7.96 16.60 -19.92
N LEU A 63 -7.98 17.11 -18.69
CA LEU A 63 -6.88 17.92 -18.19
C LEU A 63 -5.58 17.12 -18.18
N ALA A 64 -5.63 15.89 -17.66
CA ALA A 64 -4.43 15.05 -17.59
C ALA A 64 -3.90 14.75 -18.98
N PHE A 65 -4.79 14.50 -19.94
CA PHE A 65 -4.36 14.13 -21.28
C PHE A 65 -3.51 15.25 -21.90
N ARG A 66 -3.85 16.50 -21.62
CA ARG A 66 -3.09 17.63 -22.16
C ARG A 66 -1.79 17.86 -21.41
N SER A 67 -1.67 17.32 -20.19
CA SER A 67 -0.59 17.67 -19.27
C SER A 67 0.53 16.65 -19.20
N ALA A 68 0.39 15.47 -19.82
CA ALA A 68 1.32 14.39 -19.58
C ALA A 68 1.54 13.61 -20.87
N ARG A 69 2.72 12.98 -20.96
CA ARG A 69 3.04 12.19 -22.16
C ARG A 69 2.13 10.98 -22.30
N SER A 70 1.69 10.40 -21.17
CA SER A 70 0.84 9.23 -21.19
C SER A 70 -0.13 9.35 -20.03
N VAL A 71 -1.41 9.12 -20.26
CA VAL A 71 -2.39 8.95 -19.20
C VAL A 71 -2.87 7.51 -19.26
N ILE A 72 -2.72 6.78 -18.15
CA ILE A 72 -2.95 5.34 -18.08
C ILE A 72 -4.18 5.11 -17.22
N LEU A 73 -5.15 4.37 -17.75
CA LEU A 73 -6.32 3.92 -17.02
C LEU A 73 -6.10 2.47 -16.59
N ILE A 74 -6.28 2.19 -15.31
CA ILE A 74 -6.13 0.84 -14.77
C ILE A 74 -7.52 0.38 -14.33
N PHE A 75 -8.01 -0.70 -14.94
CA PHE A 75 -9.40 -1.08 -14.84
C PHE A 75 -9.61 -2.14 -13.76
N SER A 76 -10.67 -1.96 -12.96
CA SER A 76 -11.09 -3.00 -12.04
C SER A 76 -12.61 -3.10 -12.03
N VAL A 77 -13.12 -4.31 -12.22
CA VAL A 77 -14.55 -4.57 -12.11
C VAL A 77 -14.89 -4.85 -10.65
N ARG A 78 -15.85 -4.09 -10.12
CA ARG A 78 -16.20 -4.23 -8.72
C ARG A 78 -16.69 -5.65 -8.45
N GLU A 79 -16.34 -6.16 -7.28
CA GLU A 79 -16.62 -7.51 -6.78
C GLU A 79 -15.66 -8.55 -7.35
N SER A 80 -14.86 -8.23 -8.38
CA SER A 80 -14.08 -9.26 -9.03
C SER A 80 -12.82 -9.63 -8.26
N GLY A 81 -12.34 -8.76 -7.38
CA GLY A 81 -11.08 -9.01 -6.71
C GLY A 81 -9.86 -8.88 -7.58
N LYS A 82 -9.99 -8.28 -8.77
CA LYS A 82 -8.85 -8.19 -9.67
C LYS A 82 -8.90 -6.89 -10.44
N PHE A 83 -7.77 -6.55 -11.04
CA PHE A 83 -7.73 -5.61 -12.13
C PHE A 83 -7.82 -6.38 -13.44
N GLN A 84 -8.48 -5.79 -14.43
CA GLN A 84 -8.64 -6.47 -15.72
C GLN A 84 -7.67 -6.01 -16.80
N GLY A 85 -6.79 -5.05 -16.51
CA GLY A 85 -5.79 -4.62 -17.46
C GLY A 85 -5.64 -3.12 -17.42
N PHE A 86 -4.84 -2.59 -18.34
CA PHE A 86 -4.64 -1.15 -18.39
C PHE A 86 -4.41 -0.67 -19.82
N ALA A 87 -4.72 0.60 -20.05
CA ALA A 87 -4.74 1.18 -21.38
C ALA A 87 -4.30 2.63 -21.29
N ARG A 88 -3.87 3.17 -22.42
CA ARG A 88 -3.39 4.54 -22.50
C ARG A 88 -4.38 5.37 -23.31
N LEU A 89 -4.75 6.53 -22.77
CA LEU A 89 -5.56 7.48 -23.52
C LEU A 89 -4.86 7.87 -24.81
N SER A 90 -5.55 7.73 -25.94
CA SER A 90 -5.03 8.23 -27.19
C SER A 90 -5.72 9.52 -27.64
N SER A 91 -6.79 9.94 -26.97
CA SER A 91 -7.49 11.15 -27.32
C SER A 91 -8.13 11.75 -26.07
N GLU A 92 -8.48 13.03 -26.17
CA GLU A 92 -9.45 13.60 -25.25
C GLU A 92 -10.82 13.01 -25.56
N SER A 93 -11.80 13.34 -24.72
CA SER A 93 -13.15 12.87 -24.94
C SER A 93 -13.78 13.64 -26.10
N HIS A 94 -14.63 12.94 -26.85
CA HIS A 94 -15.38 13.54 -27.94
C HIS A 94 -16.78 12.96 -27.96
N HIS A 95 -17.70 13.74 -28.51
CA HIS A 95 -19.09 13.34 -28.68
C HIS A 95 -19.38 13.12 -30.16
N GLY A 96 -20.40 12.31 -30.43
CA GLY A 96 -20.92 12.14 -31.77
C GLY A 96 -20.42 10.95 -32.56
N GLY A 97 -20.09 9.83 -31.90
CA GLY A 97 -19.76 8.60 -32.58
C GLY A 97 -20.94 7.65 -32.63
N SER A 98 -20.65 6.42 -33.06
CA SER A 98 -21.66 5.36 -33.00
C SER A 98 -21.92 5.05 -31.52
N PRO A 99 -23.19 4.98 -31.10
CA PRO A 99 -23.48 4.82 -29.67
C PRO A 99 -22.99 3.50 -29.13
N ILE A 100 -22.15 3.55 -28.11
CA ILE A 100 -21.62 2.35 -27.46
C ILE A 100 -22.68 1.82 -26.51
N HIS A 101 -23.02 0.54 -26.65
CA HIS A 101 -24.09 -0.06 -25.86
C HIS A 101 -23.59 -0.52 -24.49
N TRP A 102 -23.10 0.46 -23.73
CA TRP A 102 -22.71 0.20 -22.36
C TRP A 102 -23.88 -0.38 -21.57
N VAL A 103 -23.55 -1.16 -20.54
CA VAL A 103 -24.54 -1.52 -19.52
C VAL A 103 -24.53 -0.40 -18.49
N LEU A 104 -25.63 0.30 -18.39
CA LEU A 104 -25.72 1.46 -17.51
C LEU A 104 -26.19 1.06 -16.12
N PRO A 105 -25.81 1.82 -15.09
CA PRO A 105 -26.24 1.49 -13.71
C PRO A 105 -27.70 1.87 -13.49
N MET A 112 -26.38 10.60 -19.35
CA MET A 112 -25.65 11.16 -18.21
C MET A 112 -24.13 11.04 -18.41
N LEU A 113 -23.74 10.27 -19.43
CA LEU A 113 -22.33 10.04 -19.71
C LEU A 113 -21.72 11.22 -20.44
N GLY A 114 -20.41 11.37 -20.28
CA GLY A 114 -19.65 12.36 -21.03
C GLY A 114 -19.30 11.86 -22.41
N GLY A 115 -18.19 12.38 -22.93
CA GLY A 115 -17.72 11.97 -24.23
C GLY A 115 -17.10 10.59 -24.19
N VAL A 116 -16.55 10.20 -25.34
CA VAL A 116 -15.87 8.92 -25.50
C VAL A 116 -14.39 9.20 -25.64
N PHE A 117 -13.58 8.47 -24.89
CA PHE A 117 -12.14 8.53 -25.02
C PHE A 117 -11.71 7.34 -25.86
N LYS A 118 -10.84 7.57 -26.83
CA LYS A 118 -10.16 6.45 -27.48
C LYS A 118 -8.99 6.05 -26.60
N ILE A 119 -8.78 4.75 -26.47
CA ILE A 119 -7.71 4.19 -25.65
C ILE A 119 -6.98 3.11 -26.43
N ASP A 120 -5.69 2.95 -26.14
CA ASP A 120 -4.88 1.87 -26.65
C ASP A 120 -4.52 0.95 -25.50
N TRP A 121 -4.95 -0.30 -25.59
CA TRP A 121 -4.66 -1.27 -24.54
C TRP A 121 -3.17 -1.58 -24.48
N ILE A 122 -2.62 -1.61 -23.27
CA ILE A 122 -1.23 -1.96 -23.04
C ILE A 122 -1.18 -3.38 -22.50
N CYS A 123 -2.20 -3.78 -21.73
CA CYS A 123 -2.24 -5.12 -21.19
C CYS A 123 -3.71 -5.49 -20.98
N ARG A 124 -4.14 -6.61 -21.56
CA ARG A 124 -5.50 -7.08 -21.37
C ARG A 124 -5.58 -8.24 -20.40
N ARG A 125 -4.47 -8.58 -19.73
CA ARG A 125 -4.44 -9.64 -18.73
C ARG A 125 -4.92 -9.12 -17.38
N GLU A 126 -5.39 -10.04 -16.55
CA GLU A 126 -5.89 -9.74 -15.22
CA GLU A 126 -5.87 -9.68 -15.23
C GLU A 126 -4.76 -9.78 -14.20
N LEU A 127 -4.95 -9.06 -13.08
CA LEU A 127 -4.04 -9.08 -11.94
C LEU A 127 -4.89 -9.15 -10.67
N PRO A 128 -4.73 -10.19 -9.85
CA PRO A 128 -5.50 -10.26 -8.61
C PRO A 128 -5.00 -9.27 -7.58
N PHE A 129 -5.93 -8.76 -6.77
CA PHE A 129 -5.59 -7.81 -5.71
C PHE A 129 -4.55 -8.38 -4.75
N THR A 130 -4.54 -9.70 -4.55
CA THR A 130 -3.55 -10.28 -3.63
C THR A 130 -2.13 -9.93 -4.05
N LYS A 131 -1.89 -9.72 -5.33
CA LYS A 131 -0.56 -9.39 -5.82
C LYS A 131 -0.19 -7.91 -5.68
N SER A 132 -1.15 -7.03 -5.42
CA SER A 132 -0.83 -5.62 -5.29
C SER A 132 -0.88 -5.12 -3.85
N ALA A 133 -0.93 -6.04 -2.87
CA ALA A 133 -1.18 -5.65 -1.49
C ALA A 133 -0.06 -4.81 -0.89
N HIS A 134 1.15 -4.87 -1.45
CA HIS A 134 2.26 -4.07 -0.97
C HIS A 134 2.28 -2.66 -1.56
N LEU A 135 1.35 -2.32 -2.44
CA LEU A 135 1.34 -1.01 -3.10
C LEU A 135 0.23 -0.17 -2.51
N THR A 136 0.62 0.97 -1.93
CA THR A 136 -0.31 1.95 -1.38
C THR A 136 -0.26 3.21 -2.23
N ASN A 137 -1.39 3.90 -2.28
CA ASN A 137 -1.53 5.09 -3.11
C ASN A 137 -1.52 6.34 -2.23
N PRO A 138 -0.42 7.11 -2.21
CA PRO A 138 -0.39 8.34 -1.41
C PRO A 138 -1.55 9.29 -1.68
N TRP A 139 -2.10 9.32 -2.89
CA TRP A 139 -3.20 10.23 -3.16
C TRP A 139 -4.54 9.72 -2.66
N ASN A 140 -4.58 8.54 -2.06
CA ASN A 140 -5.80 8.05 -1.41
C ASN A 140 -5.48 7.57 -0.01
N GLU A 141 -4.85 8.44 0.78
CA GLU A 141 -4.58 8.19 2.19
C GLU A 141 -3.67 6.98 2.40
N HIS A 142 -2.85 6.64 1.40
CA HIS A 142 -1.95 5.49 1.48
C HIS A 142 -2.70 4.19 1.70
N LYS A 143 -3.95 4.15 1.27
CA LYS A 143 -4.67 2.88 1.25
C LYS A 143 -4.17 2.00 0.12
N PRO A 144 -4.29 0.69 0.25
CA PRO A 144 -3.90 -0.21 -0.85
C PRO A 144 -4.50 0.28 -2.15
N VAL A 145 -3.72 0.16 -3.24
CA VAL A 145 -4.07 0.80 -4.50
C VAL A 145 -5.37 0.26 -5.08
N LYS A 146 -5.73 -0.98 -4.76
CA LYS A 146 -7.01 -1.54 -5.17
C LYS A 146 -8.19 -0.73 -4.63
N ILE A 147 -7.97 0.02 -3.55
CA ILE A 147 -9.06 0.77 -2.91
C ILE A 147 -9.14 2.16 -3.51
N GLY A 148 -10.32 2.53 -3.95
CA GLY A 148 -10.51 3.88 -4.46
C GLY A 148 -11.73 4.02 -5.32
N ARG A 149 -12.28 5.22 -5.35
CA ARG A 149 -13.44 5.51 -6.19
C ARG A 149 -13.03 5.52 -7.66
N ASP A 150 -14.03 5.34 -8.52
CA ASP A 150 -13.81 5.46 -9.96
C ASP A 150 -13.25 6.84 -10.26
N GLY A 151 -12.12 6.87 -10.96
CA GLY A 151 -11.45 8.11 -11.29
C GLY A 151 -10.35 8.54 -10.35
N GLN A 152 -10.12 7.80 -9.26
CA GLN A 152 -9.06 8.16 -8.32
C GLN A 152 -7.70 8.17 -9.02
N GLU A 153 -6.96 9.28 -8.88
CA GLU A 153 -5.62 9.29 -9.44
C GLU A 153 -4.69 8.46 -8.57
N ILE A 154 -3.79 7.74 -9.22
CA ILE A 154 -2.78 6.92 -8.55
C ILE A 154 -1.42 7.62 -8.72
N GLU A 155 -0.74 7.86 -7.60
CA GLU A 155 0.56 8.52 -7.64
C GLU A 155 1.54 7.75 -8.53
N LEU A 156 2.53 8.49 -9.06
CA LEU A 156 3.35 8.00 -10.16
C LEU A 156 4.06 6.68 -9.84
N GLU A 157 4.73 6.61 -8.69
CA GLU A 157 5.51 5.42 -8.35
C GLU A 157 4.62 4.21 -8.10
N CYS A 158 3.51 4.43 -7.38
CA CYS A 158 2.58 3.33 -7.13
C CYS A 158 1.98 2.83 -8.44
N GLY A 159 1.59 3.76 -9.32
CA GLY A 159 0.98 3.37 -10.58
C GLY A 159 1.96 2.65 -11.48
N THR A 160 3.21 3.08 -11.50
CA THR A 160 4.23 2.40 -12.30
C THR A 160 4.45 0.99 -11.80
N GLN A 161 4.63 0.83 -10.50
CA GLN A 161 4.86 -0.49 -9.96
C GLN A 161 3.64 -1.39 -10.16
N LEU A 162 2.44 -0.82 -10.10
CA LEU A 162 1.24 -1.63 -10.29
C LEU A 162 1.17 -2.15 -11.72
N CYS A 163 1.45 -1.28 -12.69
CA CYS A 163 1.42 -1.74 -14.09
C CYS A 163 2.47 -2.80 -14.34
N LEU A 164 3.65 -2.68 -13.71
CA LEU A 164 4.70 -3.67 -13.89
C LEU A 164 4.38 -5.01 -13.23
N LEU A 165 3.35 -5.07 -12.38
CA LEU A 165 2.97 -6.32 -11.74
C LEU A 165 2.14 -7.20 -12.66
N PHE A 166 1.44 -6.61 -13.62
CA PHE A 166 0.59 -7.36 -14.52
C PHE A 166 1.44 -8.36 -15.31
N PRO A 167 0.88 -9.52 -15.62
CA PRO A 167 1.57 -10.43 -16.53
C PRO A 167 1.77 -9.75 -17.86
N PRO A 168 2.88 -9.99 -18.55
CA PRO A 168 3.08 -9.38 -19.87
C PRO A 168 2.02 -9.89 -20.84
N ASP A 169 1.53 -8.97 -21.67
CA ASP A 169 0.55 -9.27 -22.71
C ASP A 169 1.29 -9.37 -24.03
N GLU A 170 1.63 -10.59 -24.43
CA GLU A 170 2.46 -10.78 -25.62
C GLU A 170 1.70 -10.53 -26.91
N SER A 171 0.40 -10.28 -26.85
CA SER A 171 -0.38 -9.93 -28.04
C SER A 171 -0.23 -8.47 -28.44
N ILE A 172 0.33 -7.63 -27.57
CA ILE A 172 0.38 -6.19 -27.78
C ILE A 172 1.80 -5.79 -28.16
N ASP A 173 1.91 -4.94 -29.17
CA ASP A 173 3.18 -4.40 -29.65
C ASP A 173 3.18 -2.93 -29.28
N LEU A 174 4.04 -2.54 -28.34
CA LEU A 174 4.05 -1.15 -27.89
C LEU A 174 4.75 -0.20 -28.84
N TYR A 175 5.35 -0.70 -29.93
CA TYR A 175 5.91 0.18 -30.94
C TYR A 175 4.87 1.18 -31.43
N GLN A 176 3.64 0.70 -31.67
CA GLN A 176 2.56 1.56 -32.14
C GLN A 176 2.20 2.62 -31.09
N VAL A 177 2.15 2.22 -29.82
CA VAL A 177 1.80 3.13 -28.75
C VAL A 177 2.86 4.22 -28.60
N ILE A 178 4.13 3.82 -28.69
CA ILE A 178 5.22 4.78 -28.57
C ILE A 178 5.13 5.85 -29.67
N HIS A 179 4.69 5.46 -30.86
CA HIS A 179 4.55 6.39 -31.97
C HIS A 179 3.48 7.45 -31.75
N LYS A 180 2.72 7.40 -30.65
CA LYS A 180 1.71 8.41 -30.37
C LYS A 180 2.13 9.40 -29.29
N MET A 181 3.24 9.15 -28.60
CA MET A 181 3.81 10.14 -27.70
C MET A 181 4.73 11.08 -28.47
N GLY B 18 -0.85 -23.28 15.37
CA GLY B 18 -0.42 -23.26 16.76
C GLY B 18 0.51 -22.11 17.02
N THR B 19 0.96 -21.98 18.27
CA THR B 19 1.76 -20.84 18.69
C THR B 19 3.25 -21.16 18.83
N SER B 20 3.66 -22.36 18.44
CA SER B 20 5.02 -22.81 18.68
C SER B 20 6.01 -21.91 17.94
N LYS B 21 5.72 -21.62 16.67
CA LYS B 21 6.60 -20.76 15.86
C LYS B 21 6.72 -19.38 16.48
N LEU B 22 5.59 -18.77 16.82
CA LEU B 22 5.62 -17.40 17.32
C LEU B 22 6.33 -17.35 18.67
N LYS B 23 6.07 -18.34 19.53
CA LYS B 23 6.78 -18.39 20.82
C LYS B 23 8.27 -18.51 20.61
N TYR B 24 8.70 -19.24 19.56
CA TYR B 24 10.13 -19.32 19.27
C TYR B 24 10.68 -17.95 18.85
N VAL B 25 9.94 -17.23 18.00
CA VAL B 25 10.38 -15.91 17.57
C VAL B 25 10.54 -14.99 18.77
N LEU B 26 9.67 -15.13 19.77
CA LEU B 26 9.62 -14.22 20.91
C LEU B 26 10.42 -14.70 22.11
N GLN B 27 11.11 -15.84 22.00
CA GLN B 27 11.75 -16.44 23.16
C GLN B 27 12.79 -15.53 23.79
N ASP B 28 13.57 -14.82 22.96
CA ASP B 28 14.51 -13.81 23.46
C ASP B 28 14.16 -12.52 22.70
N ALA B 29 13.08 -11.87 23.14
CA ALA B 29 12.59 -10.69 22.46
C ALA B 29 12.59 -9.49 23.40
N ARG B 30 12.77 -8.32 22.82
CA ARG B 30 12.43 -7.07 23.46
C ARG B 30 11.25 -6.47 22.71
N PHE B 31 10.42 -5.70 23.42
CA PHE B 31 9.15 -5.24 22.88
C PHE B 31 9.02 -3.74 23.10
N PHE B 32 8.58 -3.02 22.07
CA PHE B 32 8.38 -1.58 22.18
C PHE B 32 7.03 -1.17 21.64
N LEU B 33 6.33 -0.35 22.40
CA LEU B 33 5.11 0.29 21.91
C LEU B 33 5.46 1.37 20.91
N ILE B 34 4.81 1.35 19.75
CA ILE B 34 4.93 2.43 18.76
C ILE B 34 3.60 3.16 18.71
N LYS B 35 3.62 4.47 18.97
CA LYS B 35 2.42 5.29 18.91
C LYS B 35 2.54 6.23 17.72
N SER B 36 1.57 6.14 16.80
CA SER B 36 1.58 6.93 15.58
C SER B 36 0.40 7.89 15.60
N ASN B 37 0.60 9.08 15.05
CA ASN B 37 -0.46 10.06 14.95
C ASN B 37 -1.23 9.96 13.65
N ASN B 38 -0.88 9.01 12.78
CA ASN B 38 -1.46 9.00 11.43
C ASN B 38 -1.61 7.57 10.95
N HIS B 39 -2.86 7.13 10.77
CA HIS B 39 -3.15 5.83 10.18
C HIS B 39 -2.46 5.64 8.84
N GLU B 40 -2.19 6.73 8.12
CA GLU B 40 -1.59 6.60 6.78
C GLU B 40 -0.16 6.09 6.88
N ASN B 41 0.58 6.55 7.88
CA ASN B 41 1.95 6.07 8.03
C ASN B 41 1.99 4.60 8.45
N VAL B 42 1.02 4.15 9.25
CA VAL B 42 0.95 2.74 9.59
C VAL B 42 0.61 1.92 8.35
N SER B 43 -0.30 2.43 7.52
CA SER B 43 -0.64 1.73 6.29
CA SER B 43 -0.65 1.73 6.28
C SER B 43 0.56 1.61 5.37
N LEU B 44 1.31 2.69 5.21
CA LEU B 44 2.55 2.66 4.44
CA LEU B 44 2.54 2.65 4.43
C LEU B 44 3.53 1.65 5.03
N ALA B 45 3.70 1.68 6.36
CA ALA B 45 4.66 0.81 7.02
C ALA B 45 4.29 -0.65 6.84
N LYS B 46 3.00 -0.96 6.88
CA LYS B 46 2.54 -2.34 6.69
C LYS B 46 2.83 -2.81 5.28
N ALA B 47 2.61 -1.96 4.29
CA ALA B 47 2.77 -2.40 2.91
C ALA B 47 4.23 -2.55 2.51
N LYS B 48 5.08 -1.63 2.98
CA LYS B 48 6.48 -1.56 2.57
C LYS B 48 7.44 -2.20 3.57
N GLY B 49 7.00 -2.52 4.79
CA GLY B 49 7.89 -3.14 5.75
C GLY B 49 8.98 -2.22 6.26
N VAL B 50 8.62 -0.99 6.63
CA VAL B 50 9.58 0.01 7.06
C VAL B 50 9.01 0.82 8.21
N TRP B 51 9.89 1.37 9.03
CA TRP B 51 9.47 2.33 10.05
C TRP B 51 10.57 3.35 10.26
N SER B 52 10.16 4.54 10.71
CA SER B 52 11.08 5.62 11.06
CA SER B 52 11.09 5.60 11.07
C SER B 52 10.54 6.34 12.27
N THR B 53 11.42 6.73 13.19
CA THR B 53 10.98 7.31 14.46
C THR B 53 11.88 8.47 14.82
N LEU B 54 11.60 9.08 15.97
CA LEU B 54 12.35 10.23 16.44
C LEU B 54 13.68 9.78 17.05
N PRO B 55 14.63 10.70 17.21
CA PRO B 55 16.00 10.28 17.55
C PRO B 55 16.12 9.47 18.83
N VAL B 56 15.40 9.83 19.89
CA VAL B 56 15.57 9.11 21.15
C VAL B 56 15.16 7.65 21.00
N ASN B 57 14.03 7.41 20.33
CA ASN B 57 13.59 6.03 20.16
C ASN B 57 14.41 5.29 19.12
N GLU B 58 14.96 6.00 18.13
CA GLU B 58 15.79 5.31 17.14
C GLU B 58 17.04 4.73 17.81
N LYS B 59 17.66 5.51 18.69
CA LYS B 59 18.81 5.02 19.44
C LYS B 59 18.44 3.81 20.29
N LYS B 60 17.29 3.88 20.98
CA LYS B 60 16.85 2.77 21.82
C LYS B 60 16.64 1.50 21.01
N LEU B 61 16.01 1.62 19.84
CA LEU B 61 15.73 0.44 19.00
C LEU B 61 17.02 -0.14 18.43
N ASN B 62 17.96 0.73 18.04
CA ASN B 62 19.23 0.22 17.54
C ASN B 62 19.99 -0.55 18.61
N LEU B 63 20.02 -0.03 19.84
CA LEU B 63 20.63 -0.77 20.93
C LEU B 63 19.89 -2.10 21.15
N ALA B 64 18.56 -2.06 21.11
CA ALA B 64 17.81 -3.29 21.34
C ALA B 64 18.09 -4.32 20.25
N PHE B 65 18.22 -3.87 19.00
CA PHE B 65 18.46 -4.79 17.90
C PHE B 65 19.71 -5.62 18.12
N ARG B 66 20.75 -5.03 18.70
CA ARG B 66 21.99 -5.75 18.96
C ARG B 66 21.96 -6.56 20.25
N SER B 67 20.94 -6.38 21.10
CA SER B 67 20.96 -6.98 22.43
C SER B 67 20.00 -8.15 22.59
N ALA B 68 19.15 -8.39 21.60
CA ALA B 68 18.12 -9.40 21.73
C ALA B 68 17.95 -10.05 20.38
N ARG B 69 17.55 -11.33 20.39
CA ARG B 69 17.40 -12.04 19.13
C ARG B 69 16.25 -11.49 18.30
N SER B 70 15.23 -10.91 18.95
CA SER B 70 14.11 -10.35 18.24
C SER B 70 13.71 -9.04 18.92
N VAL B 71 13.46 -8.02 18.11
CA VAL B 71 12.95 -6.74 18.62
C VAL B 71 11.59 -6.51 17.97
N ILE B 72 10.56 -6.43 18.80
CA ILE B 72 9.18 -6.37 18.32
C ILE B 72 8.65 -4.97 18.53
N LEU B 73 8.03 -4.42 17.49
CA LEU B 73 7.32 -3.15 17.55
C LEU B 73 5.82 -3.46 17.52
N ILE B 74 5.10 -2.96 18.50
CA ILE B 74 3.66 -3.17 18.60
C ILE B 74 3.00 -1.83 18.39
N PHE B 75 2.23 -1.71 17.32
CA PHE B 75 1.77 -0.42 16.81
C PHE B 75 0.40 -0.06 17.32
N SER B 76 0.23 1.20 17.73
CA SER B 76 -1.09 1.73 18.04
C SER B 76 -1.21 3.16 17.53
N VAL B 77 -2.25 3.41 16.74
CA VAL B 77 -2.57 4.76 16.28
C VAL B 77 -3.29 5.48 17.40
N ARG B 78 -2.79 6.67 17.77
CA ARG B 78 -3.37 7.40 18.88
C ARG B 78 -4.85 7.66 18.63
N GLU B 79 -5.64 7.44 19.67
CA GLU B 79 -7.10 7.61 19.71
C GLU B 79 -7.86 6.54 18.97
N SER B 80 -7.20 5.49 18.46
CA SER B 80 -7.93 4.45 17.76
C SER B 80 -8.53 3.43 18.71
N GLY B 81 -8.08 3.39 19.96
CA GLY B 81 -8.52 2.36 20.89
C GLY B 81 -8.05 0.95 20.58
N LYS B 82 -7.11 0.79 19.65
CA LYS B 82 -6.67 -0.52 19.20
C LYS B 82 -5.17 -0.50 18.96
N PHE B 83 -4.60 -1.71 18.92
CA PHE B 83 -3.32 -1.96 18.29
C PHE B 83 -3.61 -2.36 16.85
N GLN B 84 -2.72 -1.96 15.95
CA GLN B 84 -2.92 -2.25 14.53
C GLN B 84 -2.06 -3.40 14.04
N GLY B 85 -1.25 -3.98 14.90
CA GLY B 85 -0.39 -5.07 14.53
C GLY B 85 0.97 -5.01 15.18
N PHE B 86 1.83 -5.98 14.85
CA PHE B 86 3.17 -5.98 15.39
C PHE B 86 4.14 -6.56 14.36
N ALA B 87 5.41 -6.16 14.51
CA ALA B 87 6.43 -6.45 13.52
C ALA B 87 7.76 -6.62 14.24
N ARG B 88 8.68 -7.30 13.56
CA ARG B 88 10.02 -7.56 14.09
C ARG B 88 11.03 -6.79 13.27
N LEU B 89 11.95 -6.08 13.93
CA LEU B 89 13.05 -5.44 13.22
C LEU B 89 13.89 -6.46 12.48
N SER B 90 14.16 -6.21 11.19
CA SER B 90 15.16 -6.99 10.47
C SER B 90 16.47 -6.25 10.26
N SER B 91 16.52 -4.95 10.60
CA SER B 91 17.75 -4.19 10.50
C SER B 91 17.75 -3.12 11.57
N GLU B 92 18.94 -2.58 11.85
CA GLU B 92 19.03 -1.30 12.51
C GLU B 92 18.59 -0.21 11.52
N SER B 93 18.44 1.01 12.03
CA SER B 93 18.06 2.10 11.16
C SER B 93 19.20 2.40 10.21
N HIS B 94 18.86 2.82 9.00
CA HIS B 94 19.89 3.18 8.03
C HIS B 94 19.45 4.39 7.22
N HIS B 95 20.41 5.23 6.87
CA HIS B 95 20.17 6.37 6.00
C HIS B 95 20.63 6.05 4.60
N GLY B 96 20.22 6.89 3.65
CA GLY B 96 20.66 6.77 2.28
C GLY B 96 19.95 5.72 1.45
N GLY B 97 18.95 5.05 2.00
CA GLY B 97 18.19 4.08 1.25
C GLY B 97 17.12 4.75 0.39
N SER B 98 16.27 3.92 -0.17
CA SER B 98 15.17 4.41 -0.99
C SER B 98 14.25 5.28 -0.14
N PRO B 99 13.86 6.47 -0.60
CA PRO B 99 13.08 7.37 0.25
C PRO B 99 11.67 6.84 0.47
N ILE B 100 11.14 7.08 1.67
CA ILE B 100 9.80 6.67 2.07
C ILE B 100 8.92 7.91 2.13
N HIS B 101 7.74 7.84 1.52
CA HIS B 101 6.88 9.02 1.36
C HIS B 101 5.94 9.17 2.55
N TRP B 102 6.53 9.31 3.74
CA TRP B 102 5.73 9.48 4.95
C TRP B 102 4.90 10.76 4.87
N VAL B 103 3.74 10.73 5.51
CA VAL B 103 3.01 11.95 5.85
C VAL B 103 3.75 12.58 7.01
N LEU B 104 4.38 13.72 6.75
CA LEU B 104 5.20 14.34 7.79
C LEU B 104 4.36 15.29 8.64
N PRO B 105 4.75 15.46 9.90
CA PRO B 105 4.08 16.45 10.75
C PRO B 105 4.27 17.87 10.22
N ALA B 106 3.42 18.75 10.74
CA ALA B 106 3.34 20.13 10.30
C ALA B 106 4.70 20.79 10.16
N GLY B 107 4.95 21.37 8.97
CA GLY B 107 6.15 22.15 8.73
C GLY B 107 7.46 21.38 8.70
N MET B 108 7.43 20.07 8.89
CA MET B 108 8.67 19.31 8.90
C MET B 108 9.11 18.98 7.47
N SER B 109 10.37 18.60 7.34
CA SER B 109 10.96 18.30 6.05
C SER B 109 11.56 16.89 6.07
N ALA B 110 11.60 16.27 4.89
CA ALA B 110 12.12 14.90 4.79
C ALA B 110 13.60 14.83 5.10
N LYS B 111 14.34 15.92 4.87
CA LYS B 111 15.77 15.91 5.21
C LYS B 111 16.01 15.73 6.70
N MET B 112 15.01 16.00 7.54
CA MET B 112 15.13 15.85 8.98
C MET B 112 14.68 14.48 9.48
N LEU B 113 14.27 13.58 8.59
CA LEU B 113 13.86 12.25 9.01
C LEU B 113 15.05 11.47 9.58
N GLY B 114 14.76 10.59 10.53
CA GLY B 114 15.74 9.65 11.03
C GLY B 114 15.94 8.50 10.06
N GLY B 115 16.74 7.52 10.51
CA GLY B 115 16.99 6.36 9.68
C GLY B 115 15.74 5.54 9.45
N VAL B 116 15.82 4.62 8.50
CA VAL B 116 14.74 3.68 8.20
C VAL B 116 15.09 2.32 8.80
N PHE B 117 14.18 1.77 9.60
CA PHE B 117 14.27 0.38 10.03
C PHE B 117 13.50 -0.48 9.03
N LYS B 118 14.10 -1.57 8.59
CA LYS B 118 13.32 -2.56 7.87
C LYS B 118 12.64 -3.44 8.89
N ILE B 119 11.37 -3.77 8.66
CA ILE B 119 10.61 -4.59 9.59
C ILE B 119 9.84 -5.65 8.82
N ASP B 120 9.69 -6.82 9.44
CA ASP B 120 8.85 -7.89 8.94
C ASP B 120 7.62 -7.97 9.82
N TRP B 121 6.45 -7.74 9.23
CA TRP B 121 5.22 -7.84 10.00
C TRP B 121 4.92 -9.29 10.38
N ILE B 122 4.49 -9.47 11.63
CA ILE B 122 4.04 -10.76 12.10
C ILE B 122 2.51 -10.83 12.15
N CYS B 123 1.85 -9.70 12.41
CA CYS B 123 0.40 -9.60 12.39
C CYS B 123 0.05 -8.19 11.96
N ARG B 124 -0.76 -8.06 10.92
CA ARG B 124 -1.26 -6.76 10.48
C ARG B 124 -2.73 -6.56 10.81
N ARG B 125 -3.29 -7.42 11.64
CA ARG B 125 -4.69 -7.34 12.05
C ARG B 125 -4.81 -6.61 13.39
N GLU B 126 -5.96 -6.00 13.60
CA GLU B 126 -6.17 -5.15 14.78
C GLU B 126 -6.45 -6.00 16.01
N LEU B 127 -6.05 -5.45 17.16
CA LEU B 127 -6.41 -6.00 18.46
C LEU B 127 -6.96 -4.84 19.28
N PRO B 128 -8.25 -4.87 19.60
CA PRO B 128 -8.82 -3.79 20.41
C PRO B 128 -8.28 -3.86 21.83
N PHE B 129 -8.13 -2.67 22.44
CA PHE B 129 -7.64 -2.58 23.81
C PHE B 129 -8.51 -3.38 24.77
N THR B 130 -9.77 -3.62 24.42
CA THR B 130 -10.65 -4.41 25.27
C THR B 130 -10.19 -5.86 25.41
N LYS B 131 -9.35 -6.35 24.49
CA LYS B 131 -8.82 -7.69 24.64
C LYS B 131 -7.50 -7.75 25.38
N SER B 132 -6.88 -6.61 25.69
CA SER B 132 -5.61 -6.61 26.42
C SER B 132 -5.75 -5.98 27.81
N ALA B 133 -6.98 -5.86 28.29
CA ALA B 133 -7.24 -5.10 29.50
C ALA B 133 -6.68 -5.76 30.75
N HIS B 134 -6.40 -7.06 30.69
CA HIS B 134 -5.88 -7.80 31.83
C HIS B 134 -4.36 -7.78 31.90
N LEU B 135 -3.69 -7.19 30.91
CA LEU B 135 -2.24 -7.18 30.83
C LEU B 135 -1.70 -5.85 31.31
N THR B 136 -0.75 -5.90 32.23
CA THR B 136 -0.11 -4.71 32.76
C THR B 136 1.40 -4.85 32.59
N ASN B 137 2.05 -3.71 32.36
CA ASN B 137 3.47 -3.69 32.01
C ASN B 137 4.28 -3.31 33.24
N PRO B 138 5.05 -4.23 33.84
CA PRO B 138 5.86 -3.87 35.00
C PRO B 138 6.81 -2.71 34.77
N TRP B 139 7.27 -2.52 33.53
CA TRP B 139 8.25 -1.48 33.24
C TRP B 139 7.60 -0.14 32.93
N ASN B 140 6.29 -0.03 33.07
CA ASN B 140 5.55 1.24 33.07
C ASN B 140 4.62 1.28 34.27
N GLU B 141 5.18 1.01 35.47
CA GLU B 141 4.46 1.16 36.73
C GLU B 141 3.27 0.22 36.86
N HIS B 142 3.31 -0.92 36.15
CA HIS B 142 2.25 -1.91 36.18
C HIS B 142 0.91 -1.34 35.71
N LYS B 143 0.98 -0.34 34.82
CA LYS B 143 -0.19 0.20 34.16
C LYS B 143 -0.60 -0.72 33.02
N PRO B 144 -1.87 -0.71 32.63
CA PRO B 144 -2.31 -1.55 31.51
C PRO B 144 -1.44 -1.30 30.29
N VAL B 145 -1.19 -2.37 29.53
CA VAL B 145 -0.17 -2.34 28.47
C VAL B 145 -0.50 -1.34 27.37
N LYS B 146 -1.77 -0.99 27.18
CA LYS B 146 -2.14 0.01 26.17
C LYS B 146 -1.62 1.39 26.51
N ILE B 147 -1.30 1.65 27.78
CA ILE B 147 -0.86 2.97 28.22
C ILE B 147 0.64 3.07 27.99
N GLY B 148 1.06 4.10 27.29
CA GLY B 148 2.46 4.40 27.17
C GLY B 148 2.73 5.36 26.03
N ARG B 149 3.86 6.05 26.15
CA ARG B 149 4.33 6.95 25.10
C ARG B 149 4.94 6.14 23.98
N ASP B 150 5.07 6.78 22.82
CA ASP B 150 5.79 6.17 21.72
C ASP B 150 7.19 5.74 22.19
N GLY B 151 7.52 4.47 21.95
CA GLY B 151 8.81 3.95 22.35
C GLY B 151 8.84 3.26 23.71
N GLN B 152 7.74 3.27 24.45
CA GLN B 152 7.72 2.64 25.77
C GLN B 152 8.09 1.16 25.64
N GLU B 153 9.09 0.73 26.41
CA GLU B 153 9.45 -0.68 26.39
C GLU B 153 8.49 -1.49 27.24
N ILE B 154 8.16 -2.68 26.76
CA ILE B 154 7.24 -3.59 27.43
C ILE B 154 8.03 -4.81 27.92
N GLU B 155 7.88 -5.13 29.21
CA GLU B 155 8.59 -6.27 29.79
C GLU B 155 8.23 -7.56 29.03
N LEU B 156 9.15 -8.53 29.09
CA LEU B 156 9.13 -9.68 28.19
C LEU B 156 7.85 -10.50 28.31
N GLU B 157 7.48 -10.89 29.54
CA GLU B 157 6.28 -11.73 29.67
C GLU B 157 5.04 -10.97 29.25
N CYS B 158 4.94 -9.68 29.60
CA CYS B 158 3.76 -8.91 29.21
C CYS B 158 3.72 -8.72 27.68
N GLY B 159 4.87 -8.40 27.08
CA GLY B 159 4.91 -8.27 25.62
C GLY B 159 4.61 -9.58 24.92
N THR B 160 5.11 -10.69 25.45
CA THR B 160 4.83 -11.99 24.85
C THR B 160 3.34 -12.31 24.89
N GLN B 161 2.71 -12.11 26.06
CA GLN B 161 1.27 -12.38 26.13
C GLN B 161 0.47 -11.43 25.24
N LEU B 162 0.90 -10.16 25.16
CA LEU B 162 0.21 -9.23 24.26
C LEU B 162 0.25 -9.73 22.82
N CYS B 163 1.43 -10.11 22.34
CA CYS B 163 1.56 -10.56 20.96
C CYS B 163 0.70 -11.81 20.72
N LEU B 164 0.62 -12.69 21.72
CA LEU B 164 -0.17 -13.92 21.56
C LEU B 164 -1.67 -13.65 21.50
N LEU B 165 -2.12 -12.46 21.93
CA LEU B 165 -3.54 -12.12 21.85
C LEU B 165 -3.99 -11.83 20.42
N PHE B 166 -3.08 -11.43 19.54
CA PHE B 166 -3.47 -11.06 18.19
C PHE B 166 -3.99 -12.28 17.43
N PRO B 167 -4.95 -12.08 16.53
CA PRO B 167 -5.48 -13.20 15.73
C PRO B 167 -4.48 -13.61 14.67
N PRO B 168 -4.55 -14.86 14.17
CA PRO B 168 -3.66 -15.28 13.10
C PRO B 168 -3.89 -14.42 11.86
N ASP B 169 -2.81 -14.14 11.15
CA ASP B 169 -2.87 -13.31 9.95
C ASP B 169 -2.49 -14.20 8.78
N GLU B 170 -3.47 -14.53 7.95
CA GLU B 170 -3.27 -15.44 6.84
C GLU B 170 -2.50 -14.80 5.70
N SER B 171 -2.25 -13.49 5.75
CA SER B 171 -1.39 -12.83 4.78
C SER B 171 0.08 -12.96 5.11
N ILE B 172 0.42 -13.45 6.30
CA ILE B 172 1.80 -13.45 6.76
C ILE B 172 2.30 -14.89 6.88
N ASP B 173 3.55 -15.08 6.46
CA ASP B 173 4.26 -16.35 6.58
C ASP B 173 5.45 -16.12 7.49
N LEU B 174 5.43 -16.73 8.68
CA LEU B 174 6.52 -16.58 9.64
C LEU B 174 7.84 -17.15 9.15
N TYR B 175 7.84 -17.91 8.05
CA TYR B 175 9.04 -18.59 7.59
C TYR B 175 10.20 -17.63 7.38
N GLN B 176 9.97 -16.48 6.75
CA GLN B 176 11.05 -15.54 6.49
C GLN B 176 11.65 -15.00 7.78
N VAL B 177 10.81 -14.71 8.77
CA VAL B 177 11.34 -14.21 10.05
C VAL B 177 12.21 -15.26 10.71
N ILE B 178 11.71 -16.49 10.78
CA ILE B 178 12.44 -17.55 11.45
C ILE B 178 13.80 -17.79 10.77
N HIS B 179 13.84 -17.67 9.44
CA HIS B 179 15.06 -17.96 8.71
C HIS B 179 16.15 -16.92 8.98
N LYS B 180 15.80 -15.68 9.30
CA LYS B 180 16.81 -14.64 9.50
C LYS B 180 17.14 -14.38 10.97
N MET B 181 16.65 -15.20 11.89
CA MET B 181 17.03 -15.08 13.28
C MET B 181 18.39 -15.72 13.52
S SO4 C . 11.29 -4.77 -25.06
O1 SO4 C . 10.50 -5.99 -25.30
O2 SO4 C . 12.11 -4.99 -23.87
O3 SO4 C . 10.36 -3.69 -24.76
O4 SO4 C . 12.14 -4.41 -26.19
S SO4 D . -7.54 14.78 -29.39
O1 SO4 D . -8.75 14.25 -28.76
O2 SO4 D . -6.44 13.84 -29.15
O3 SO4 D . -7.77 14.88 -30.82
O4 SO4 D . -7.21 16.09 -28.83
S SO4 E . -17.57 5.32 -7.22
O1 SO4 E . -18.41 4.71 -6.20
O2 SO4 E . -16.46 4.43 -7.54
O3 SO4 E . -18.36 5.57 -8.43
O4 SO4 E . -17.07 6.59 -6.71
S SO4 F . -16.45 16.98 -29.46
O1 SO4 F . -16.82 15.85 -30.31
O2 SO4 F . -15.01 16.94 -29.21
O3 SO4 F . -17.18 16.91 -28.20
O4 SO4 F . -16.78 18.24 -30.14
C10 P1Q G . 8.27 9.81 12.44
C13 P1Q G . 8.53 13.31 13.02
C15 P1Q G . 9.86 15.01 11.97
C20 P1Q G . 6.83 10.06 10.11
C01 P1Q G . 6.42 7.55 10.29
C02 P1Q G . 7.37 8.73 10.67
C11 P1Q G . 7.78 11.18 11.91
C12 P1Q G . 8.54 12.55 11.85
C14 P1Q G . 9.18 14.54 13.09
C16 P1Q G . 9.90 14.27 10.78
C18 P1Q G . 9.24 13.03 10.72
N03 P1Q G . 7.46 8.76 12.05
O19 P1Q G . 7.58 11.18 10.53
CL1 P1Q G . 10.80 14.93 9.38
C10 P1Q H . 14.40 -23.13 14.10
C13 P1Q H . 15.52 -24.12 17.76
C15 P1Q H . 13.86 -24.39 19.48
C20 P1Q H . 15.21 -25.76 13.96
C01 P1Q H . 16.92 -24.90 12.36
C02 P1Q H . 15.43 -24.78 12.77
C11 P1Q H . 14.94 -23.94 15.29
C12 P1Q H . 14.52 -24.12 16.78
C14 P1Q H . 15.20 -24.26 19.10
C16 P1Q H . 12.85 -24.38 18.51
C18 P1Q H . 13.18 -24.24 17.15
N03 P1Q H . 15.17 -23.41 12.98
O19 P1Q H . 14.59 -25.26 15.10
CL1 P1Q H . 11.15 -24.54 19.01
S SO4 I . -8.36 -6.75 10.59
O1 SO4 I . -7.56 -6.97 9.38
O2 SO4 I . -8.53 -7.99 11.33
O3 SO4 I . -9.68 -6.24 10.21
O4 SO4 I . -7.68 -5.76 11.43
S SO4 J . 3.79 9.19 13.07
O1 SO4 J . 4.24 7.84 13.40
O2 SO4 J . 3.16 9.76 14.28
O3 SO4 J . 2.81 9.08 12.00
O4 SO4 J . 4.91 10.02 12.71
S SO4 K . 2.06 -23.97 11.88
O1 SO4 K . 1.77 -24.97 10.86
O2 SO4 K . 3.28 -24.34 12.60
O3 SO4 K . 0.96 -23.92 12.84
O4 SO4 K . 2.28 -22.67 11.25
S SO4 L . -10.54 -14.88 12.46
O1 SO4 L . -10.41 -16.22 11.90
O2 SO4 L . -9.23 -14.40 12.91
O3 SO4 L . -11.43 -14.86 13.62
O4 SO4 L . -11.07 -13.99 11.43
S SO4 M . 23.15 4.70 16.90
O1 SO4 M . 23.61 3.48 17.55
O2 SO4 M . 23.90 5.86 17.43
O3 SO4 M . 21.71 4.87 17.13
O4 SO4 M . 23.39 4.60 15.46
S SO4 N . 4.63 10.81 22.42
O1 SO4 N . 3.84 9.57 22.56
O2 SO4 N . 5.10 11.24 23.72
O3 SO4 N . 5.78 10.60 21.55
O4 SO4 N . 3.77 11.86 21.85
#